data_6Z93
#
_entry.id   6Z93
#
_cell.length_a   134.381
_cell.length_b   85.812
_cell.length_c   39.512
_cell.angle_alpha   90
_cell.angle_beta   93.92
_cell.angle_gamma   90
#
_symmetry.space_group_name_H-M   'C 1 2 1'
#
loop_
_entity.id
_entity.type
_entity.pdbx_description
1 polymer TudS
2 non-polymer 'IRON/SULFUR CLUSTER'
3 non-polymer 1,2-ETHANEDIOL
4 non-polymer 'CHLORIDE ION'
5 water water
#
_entity_poly.entity_id   1
_entity_poly.type   'polypeptide(L)'
_entity_poly.pdbx_seq_one_letter_code
;MKEKIIVSACLLGQPVRYDGQSKGIVSNWLDALGAEGRALAFCPEVAGGLPTPRPPAERQGEHVVTESGLDVTAEFDRGA
ELALGLCLAQGIRFALLKEGSPSCGSGRIYNGRFEGVSMAGEGKTTALLRRHGIQVFSEDQLPELALALSLVATAAGSLE
HHHHHH
;
_entity_poly.pdbx_strand_id   A,B
#
loop_
_chem_comp.id
_chem_comp.type
_chem_comp.name
_chem_comp.formula
CL non-polymer 'CHLORIDE ION' 'Cl -1'
EDO non-polymer 1,2-ETHANEDIOL 'C2 H6 O2'
SF4 non-polymer 'IRON/SULFUR CLUSTER' 'Fe4 S4'
#
# COMPACT_ATOMS: atom_id res chain seq x y z
N GLU A 3 4.61 24.16 -2.10
CA GLU A 3 3.97 25.01 -1.10
C GLU A 3 3.90 24.36 0.30
N LYS A 4 3.11 23.29 0.47
CA LYS A 4 3.02 22.62 1.77
C LYS A 4 3.87 21.37 1.85
N ILE A 5 4.18 20.94 3.08
CA ILE A 5 4.92 19.70 3.29
C ILE A 5 4.15 18.83 4.30
N ILE A 6 4.42 17.52 4.30
CA ILE A 6 3.88 16.64 5.33
C ILE A 6 5.03 16.42 6.32
N VAL A 7 4.74 16.45 7.62
CA VAL A 7 5.79 16.29 8.63
C VAL A 7 5.40 15.24 9.63
N SER A 8 6.32 14.34 10.06
CA SER A 8 6.05 13.37 11.15
C SER A 8 5.55 14.13 12.38
N ALA A 9 4.36 13.78 12.88
CA ALA A 9 3.74 14.51 13.99
C ALA A 9 4.62 14.62 15.22
N CYS A 10 5.48 13.61 15.48
CA CYS A 10 6.40 13.65 16.62
C CYS A 10 7.45 14.76 16.44
N LEU A 11 7.87 15.07 15.20
CA LEU A 11 8.85 16.16 14.97
C LEU A 11 8.27 17.53 15.29
N LEU A 12 6.94 17.65 15.27
CA LEU A 12 6.22 18.88 15.66
C LEU A 12 5.87 18.91 17.15
N GLY A 13 6.37 17.97 17.95
CA GLY A 13 6.17 17.96 19.40
C GLY A 13 4.93 17.21 19.88
N GLN A 14 4.24 16.51 18.96
CA GLN A 14 3.06 15.74 19.37
C GLN A 14 3.47 14.46 20.06
N PRO A 15 2.82 14.12 21.18
CA PRO A 15 3.26 12.94 21.96
C PRO A 15 2.70 11.63 21.42
N VAL A 16 3.01 11.33 20.15
CA VAL A 16 2.47 10.16 19.46
C VAL A 16 3.48 9.02 19.29
N ARG A 17 4.72 9.14 19.84
CA ARG A 17 5.72 8.07 19.70
C ARG A 17 5.26 6.81 20.41
N TYR A 18 5.89 5.65 20.14
CA TYR A 18 5.48 4.40 20.79
C TYR A 18 5.49 4.50 22.34
N ASP A 19 6.37 5.34 22.89
CA ASP A 19 6.43 5.49 24.35
C ASP A 19 5.70 6.71 24.90
N GLY A 20 4.86 7.34 24.08
CA GLY A 20 4.17 8.55 24.45
C GLY A 20 5.03 9.81 24.42
N GLN A 21 6.30 9.69 24.03
CA GLN A 21 7.18 10.85 23.94
C GLN A 21 6.94 11.61 22.62
N SER A 22 7.61 12.75 22.48
CA SER A 22 7.61 13.53 21.25
C SER A 22 9.08 13.67 20.82
N LYS A 23 9.30 14.11 19.59
CA LYS A 23 10.66 14.30 19.07
C LYS A 23 10.74 15.71 18.51
N GLY A 24 10.21 16.66 19.28
CA GLY A 24 10.12 18.05 18.87
C GLY A 24 11.47 18.62 18.54
N ILE A 25 11.63 19.09 17.30
CA ILE A 25 12.91 19.65 16.91
C ILE A 25 12.89 21.18 17.08
N VAL A 26 14.07 21.73 17.30
CA VAL A 26 14.22 23.15 17.46
C VAL A 26 14.64 23.70 16.13
N SER A 27 13.75 24.44 15.49
CA SER A 27 14.02 24.98 14.17
C SER A 27 13.17 26.20 13.94
N ASN A 28 13.81 27.37 13.79
CA ASN A 28 13.08 28.61 13.48
C ASN A 28 12.35 28.49 12.14
N TRP A 29 12.98 27.82 11.17
CA TRP A 29 12.42 27.62 9.85
C TRP A 29 11.15 26.75 9.93
N LEU A 30 11.21 25.62 10.64
CA LEU A 30 10.04 24.74 10.76
C LEU A 30 8.93 25.45 11.52
N ASP A 31 9.27 26.25 12.54
CA ASP A 31 8.28 27.01 13.30
C ASP A 31 7.56 28.00 12.38
N ALA A 32 8.32 28.71 11.52
CA ALA A 32 7.76 29.68 10.59
C ALA A 32 6.85 29.00 9.57
N LEU A 33 7.28 27.84 9.04
CA LEU A 33 6.47 27.09 8.08
C LEU A 33 5.13 26.66 8.71
N GLY A 34 5.18 26.22 9.97
CA GLY A 34 3.98 25.84 10.71
C GLY A 34 3.06 27.02 10.96
N ALA A 35 3.64 28.17 11.30
CA ALA A 35 2.89 29.42 11.51
C ALA A 35 2.17 29.86 10.23
N GLU A 36 2.68 29.49 9.05
CA GLU A 36 2.02 29.83 7.79
C GLU A 36 1.00 28.77 7.32
N GLY A 37 0.77 27.74 8.13
CA GLY A 37 -0.16 26.67 7.77
C GLY A 37 0.39 25.76 6.69
N ARG A 38 1.71 25.67 6.56
CA ARG A 38 2.32 24.88 5.49
C ARG A 38 2.94 23.55 5.93
N ALA A 39 2.91 23.23 7.24
CA ALA A 39 3.53 21.99 7.72
C ALA A 39 2.44 21.12 8.30
N LEU A 40 1.97 20.16 7.52
CA LEU A 40 0.88 19.27 7.90
C LEU A 40 1.36 18.11 8.71
N ALA A 41 0.97 18.07 9.97
CA ALA A 41 1.36 17.01 10.88
C ALA A 41 0.68 15.71 10.50
N PHE A 42 1.40 14.61 10.56
CA PHE A 42 0.83 13.30 10.23
C PHE A 42 1.62 12.22 10.93
N CYS A 43 0.92 11.26 11.55
CA CYS A 43 1.64 10.12 12.17
C CYS A 43 1.07 8.87 11.53
N PRO A 44 1.85 8.20 10.67
CA PRO A 44 1.35 6.97 10.03
C PRO A 44 0.88 5.87 10.98
N GLU A 45 1.57 5.68 12.13
CA GLU A 45 1.16 4.60 13.03
C GLU A 45 -0.16 4.88 13.70
N VAL A 46 -0.37 6.13 14.16
CA VAL A 46 -1.66 6.47 14.78
C VAL A 46 -2.75 6.48 13.70
N ALA A 47 -2.44 7.02 12.51
CA ALA A 47 -3.42 7.05 11.41
C ALA A 47 -3.82 5.61 11.00
N GLY A 48 -2.87 4.69 11.09
CA GLY A 48 -3.06 3.29 10.75
C GLY A 48 -3.86 2.50 11.77
N GLY A 49 -4.12 3.08 12.94
CA GLY A 49 -4.96 2.44 13.95
C GLY A 49 -4.22 1.96 15.20
N LEU A 50 -2.92 2.25 15.30
CA LEU A 50 -2.15 1.81 16.47
C LEU A 50 -2.37 2.77 17.63
N PRO A 51 -2.36 2.22 18.86
CA PRO A 51 -2.56 3.06 20.04
C PRO A 51 -1.27 3.79 20.47
N THR A 52 -1.36 4.68 21.50
CA THR A 52 -0.21 5.35 22.08
C THR A 52 -0.37 5.24 23.60
N PRO A 53 0.49 4.51 24.31
CA PRO A 53 1.69 3.83 23.84
C PRO A 53 1.40 2.54 23.05
N ARG A 54 2.45 2.01 22.43
CA ARG A 54 2.37 0.76 21.65
C ARG A 54 3.75 0.11 21.73
N PRO A 55 3.84 -1.22 21.59
CA PRO A 55 5.15 -1.86 21.69
C PRO A 55 6.07 -1.45 20.54
N PRO A 56 7.40 -1.49 20.78
CA PRO A 56 8.34 -1.21 19.68
C PRO A 56 8.19 -2.22 18.55
N ALA A 57 8.39 -1.78 17.33
CA ALA A 57 8.28 -2.66 16.17
C ALA A 57 9.43 -2.43 15.21
N GLU A 58 9.79 -3.47 14.47
CA GLU A 58 10.87 -3.38 13.49
C GLU A 58 10.43 -4.04 12.20
N ARG A 59 10.96 -3.53 11.08
CA ARG A 59 10.69 -4.18 9.81
C ARG A 59 11.45 -5.51 9.76
N GLN A 60 10.88 -6.50 9.07
CA GLN A 60 11.53 -7.76 8.77
C GLN A 60 11.11 -7.95 7.31
N GLY A 61 11.84 -7.28 6.43
CA GLY A 61 11.53 -7.21 5.01
C GLY A 61 10.27 -6.39 4.79
N GLU A 62 9.24 -6.99 4.15
CA GLU A 62 7.96 -6.30 3.94
C GLU A 62 7.06 -6.36 5.20
N HIS A 63 7.37 -7.24 6.16
CA HIS A 63 6.57 -7.33 7.37
C HIS A 63 7.06 -6.31 8.40
N VAL A 64 6.19 -5.96 9.35
CA VAL A 64 6.57 -5.13 10.50
C VAL A 64 6.04 -5.90 11.69
N VAL A 65 6.90 -6.22 12.65
CA VAL A 65 6.48 -7.03 13.79
C VAL A 65 6.99 -6.46 15.11
N THR A 66 6.33 -6.82 16.19
CA THR A 66 6.82 -6.43 17.52
C THR A 66 7.79 -7.55 18.00
N GLU A 67 8.49 -7.34 19.14
CA GLU A 67 9.41 -8.34 19.64
C GLU A 67 8.73 -9.66 19.99
N SER A 68 7.45 -9.61 20.38
CA SER A 68 6.69 -10.83 20.66
C SER A 68 6.20 -11.58 19.41
N GLY A 69 6.47 -11.04 18.23
CA GLY A 69 6.02 -11.67 16.99
C GLY A 69 4.66 -11.21 16.48
N LEU A 70 4.05 -10.21 17.12
CA LEU A 70 2.74 -9.71 16.66
C LEU A 70 2.96 -8.97 15.33
N ASP A 71 2.21 -9.32 14.29
CA ASP A 71 2.40 -8.69 13.00
C ASP A 71 1.52 -7.44 12.90
N VAL A 72 2.16 -6.28 12.78
CA VAL A 72 1.44 -5.03 12.65
C VAL A 72 1.58 -4.42 11.26
N THR A 73 1.93 -5.22 10.24
CA THR A 73 2.09 -4.70 8.88
C THR A 73 0.80 -4.05 8.38
N ALA A 74 -0.37 -4.62 8.70
CA ALA A 74 -1.64 -4.05 8.23
C ALA A 74 -1.79 -2.55 8.59
N GLU A 75 -1.48 -2.20 9.83
CA GLU A 75 -1.59 -0.85 10.33
C GLU A 75 -0.50 0.04 9.73
N PHE A 76 0.72 -0.48 9.61
CA PHE A 76 1.82 0.28 9.01
C PHE A 76 1.49 0.62 7.54
N ASP A 77 0.96 -0.36 6.79
CA ASP A 77 0.64 -0.15 5.37
C ASP A 77 -0.52 0.82 5.20
N ARG A 78 -1.52 0.73 6.07
CA ARG A 78 -2.64 1.67 6.06
C ARG A 78 -2.14 3.09 6.32
N GLY A 79 -1.30 3.28 7.34
CA GLY A 79 -0.78 4.60 7.63
C GLY A 79 0.04 5.17 6.48
N ALA A 80 0.85 4.32 5.81
CA ALA A 80 1.61 4.76 4.64
C ALA A 80 0.68 5.21 3.52
N GLU A 81 -0.38 4.43 3.24
CA GLU A 81 -1.34 4.77 2.18
C GLU A 81 -2.10 6.05 2.51
N LEU A 82 -2.42 6.28 3.81
CA LEU A 82 -3.08 7.53 4.21
C LEU A 82 -2.13 8.72 4.06
N ALA A 83 -0.82 8.52 4.32
CA ALA A 83 0.15 9.62 4.13
C ALA A 83 0.20 9.99 2.65
N LEU A 84 0.21 8.97 1.77
CA LEU A 84 0.19 9.23 0.32
C LEU A 84 -1.11 9.95 -0.08
N GLY A 85 -2.24 9.50 0.47
CA GLY A 85 -3.55 10.09 0.19
C GLY A 85 -3.60 11.56 0.57
N LEU A 86 -2.99 11.92 1.71
CA LEU A 86 -2.97 13.31 2.15
C LEU A 86 -2.09 14.13 1.19
N CYS A 87 -0.94 13.57 0.75
CA CYS A 87 -0.05 14.27 -0.18
C CYS A 87 -0.73 14.49 -1.54
N LEU A 88 -1.41 13.48 -2.08
CA LEU A 88 -2.11 13.63 -3.36
C LEU A 88 -3.23 14.65 -3.27
N ALA A 89 -4.02 14.62 -2.20
CA ALA A 89 -5.13 15.55 -2.03
C ALA A 89 -4.66 16.99 -1.91
N GLN A 90 -3.56 17.21 -1.15
CA GLN A 90 -3.04 18.56 -0.90
C GLN A 90 -1.97 19.03 -1.89
N GLY A 91 -1.59 18.19 -2.85
CA GLY A 91 -0.56 18.53 -3.82
C GLY A 91 0.82 18.66 -3.19
N ILE A 92 1.11 17.83 -2.18
CA ILE A 92 2.38 17.86 -1.49
C ILE A 92 3.43 17.00 -2.19
N ARG A 93 4.62 17.56 -2.42
N ARG A 93 4.62 17.54 -2.43
CA ARG A 93 5.73 16.87 -3.08
CA ARG A 93 5.69 16.76 -3.06
C ARG A 93 6.94 16.65 -2.17
C ARG A 93 6.95 16.64 -2.17
N PHE A 94 6.87 17.05 -0.89
CA PHE A 94 7.98 16.94 0.03
C PHE A 94 7.50 16.47 1.40
N ALA A 95 8.28 15.62 2.05
CA ALA A 95 7.98 15.11 3.37
C ALA A 95 9.18 15.26 4.30
N LEU A 96 8.93 15.59 5.57
CA LEU A 96 9.98 15.70 6.57
C LEU A 96 9.62 14.65 7.58
N LEU A 97 10.30 13.50 7.54
CA LEU A 97 9.93 12.38 8.39
C LEU A 97 11.04 11.98 9.38
N LYS A 98 10.65 11.40 10.51
CA LYS A 98 11.54 11.03 11.61
C LYS A 98 12.51 9.89 11.24
N GLU A 99 13.81 10.13 11.39
CA GLU A 99 14.82 9.13 11.07
C GLU A 99 14.76 7.90 12.00
N GLY A 100 15.12 6.73 11.46
CA GLY A 100 15.20 5.44 12.17
C GLY A 100 13.91 4.67 12.39
N SER A 101 12.76 5.29 12.11
CA SER A 101 11.46 4.68 12.40
C SER A 101 11.08 3.59 11.36
N PRO A 102 10.41 2.52 11.81
CA PRO A 102 9.92 1.51 10.85
C PRO A 102 8.85 2.04 9.89
N SER A 103 8.28 3.25 10.19
CA SER A 103 7.35 3.95 9.30
C SER A 103 8.08 5.10 8.59
N CYS A 104 8.72 6.00 9.36
CA CYS A 104 9.25 7.29 8.90
C CYS A 104 10.73 7.33 8.53
N GLY A 105 11.52 6.32 8.88
CA GLY A 105 12.94 6.28 8.58
C GLY A 105 13.25 6.50 7.11
N SER A 106 14.35 7.18 6.77
CA SER A 106 14.65 7.45 5.37
C SER A 106 16.08 7.08 4.95
N GLY A 107 16.99 7.09 5.90
CA GLY A 107 18.38 6.71 5.71
C GLY A 107 18.75 5.47 6.52
N ARG A 108 18.08 5.27 7.66
CA ARG A 108 18.36 4.11 8.49
C ARG A 108 17.15 3.61 9.25
N ILE A 109 17.13 2.32 9.56
CA ILE A 109 16.10 1.68 10.38
C ILE A 109 16.78 0.60 11.24
N TYR A 110 16.08 0.10 12.26
CA TYR A 110 16.58 -1.01 13.04
C TYR A 110 16.50 -2.28 12.18
N ASN A 111 17.46 -3.20 12.38
CA ASN A 111 17.64 -4.36 11.51
C ASN A 111 16.65 -5.52 11.65
N GLY A 112 15.61 -5.39 12.47
CA GLY A 112 14.63 -6.46 12.61
C GLY A 112 14.97 -7.55 13.62
N ARG A 113 16.15 -7.44 14.27
CA ARG A 113 16.56 -8.44 15.25
C ARG A 113 16.36 -8.02 16.70
N PHE A 114 15.80 -6.82 16.95
CA PHE A 114 15.52 -6.33 18.30
C PHE A 114 16.77 -6.37 19.19
N GLU A 115 17.89 -5.84 18.66
CA GLU A 115 19.17 -5.82 19.37
C GLU A 115 19.83 -4.43 19.34
N GLY A 116 19.06 -3.38 19.07
CA GLY A 116 19.56 -2.01 19.02
C GLY A 116 20.53 -1.72 17.89
N VAL A 117 20.50 -2.53 16.83
CA VAL A 117 21.40 -2.35 15.69
C VAL A 117 20.69 -1.76 14.46
N SER A 118 21.20 -0.62 13.98
CA SER A 118 20.68 0.06 12.81
C SER A 118 21.36 -0.42 11.53
N MET A 119 20.70 -0.24 10.41
CA MET A 119 21.22 -0.56 9.10
C MET A 119 20.67 0.47 8.10
N ALA A 120 21.26 0.55 6.91
CA ALA A 120 20.78 1.46 5.88
C ALA A 120 19.42 0.94 5.41
N GLY A 121 18.45 1.85 5.32
CA GLY A 121 17.12 1.46 4.89
C GLY A 121 16.08 2.53 5.13
N GLU A 122 14.82 2.19 4.88
CA GLU A 122 13.75 3.15 5.01
C GLU A 122 12.50 2.53 5.59
N GLY A 123 11.68 3.37 6.22
CA GLY A 123 10.42 2.92 6.78
C GLY A 123 9.38 2.71 5.70
N LYS A 124 8.24 2.11 6.09
CA LYS A 124 7.18 1.78 5.13
C LYS A 124 6.55 3.02 4.50
N THR A 125 6.37 4.09 5.28
CA THR A 125 5.77 5.32 4.74
C THR A 125 6.74 5.99 3.78
N THR A 126 8.02 6.13 4.17
CA THR A 126 9.05 6.72 3.31
C THR A 126 9.14 5.98 1.98
N ALA A 127 9.19 4.65 2.04
CA ALA A 127 9.29 3.85 0.81
C ALA A 127 8.12 4.10 -0.13
N LEU A 128 6.88 4.17 0.40
CA LEU A 128 5.72 4.39 -0.47
C LEU A 128 5.72 5.79 -1.05
N LEU A 129 6.02 6.81 -0.21
CA LEU A 129 6.07 8.19 -0.72
C LEU A 129 7.14 8.34 -1.81
N ARG A 130 8.33 7.76 -1.61
CA ARG A 130 9.40 7.86 -2.61
C ARG A 130 9.00 7.17 -3.92
N ARG A 131 8.33 6.03 -3.83
N ARG A 131 8.33 6.02 -3.85
CA ARG A 131 7.83 5.26 -4.97
CA ARG A 131 7.88 5.33 -5.07
C ARG A 131 6.84 6.11 -5.82
C ARG A 131 6.90 6.19 -5.87
N HIS A 132 6.12 7.05 -5.17
CA HIS A 132 5.16 7.91 -5.83
C HIS A 132 5.72 9.32 -6.16
N GLY A 133 7.05 9.47 -6.14
CA GLY A 133 7.69 10.72 -6.53
C GLY A 133 7.76 11.81 -5.49
N ILE A 134 7.47 11.48 -4.22
CA ILE A 134 7.52 12.46 -3.14
C ILE A 134 8.90 12.40 -2.52
N GLN A 135 9.58 13.57 -2.41
CA GLN A 135 10.92 13.60 -1.85
C GLN A 135 10.81 13.58 -0.34
N VAL A 136 11.53 12.67 0.30
CA VAL A 136 11.51 12.52 1.76
C VAL A 136 12.85 12.90 2.33
N PHE A 137 12.84 13.78 3.33
CA PHE A 137 14.01 14.26 4.03
C PHE A 137 13.85 13.94 5.52
N SER A 138 14.96 13.69 6.22
CA SER A 138 14.89 13.48 7.68
C SER A 138 15.14 14.79 8.42
N GLU A 139 15.00 14.78 9.76
CA GLU A 139 15.31 15.96 10.58
C GLU A 139 16.82 16.33 10.52
N ASP A 140 17.69 15.44 10.00
CA ASP A 140 19.13 15.72 9.81
C ASP A 140 19.41 16.41 8.45
N GLN A 141 18.37 16.68 7.65
CA GLN A 141 18.45 17.27 6.31
C GLN A 141 17.54 18.49 6.16
N LEU A 142 17.32 19.25 7.25
CA LEU A 142 16.50 20.46 7.19
C LEU A 142 17.01 21.47 6.19
N PRO A 143 18.35 21.73 6.09
CA PRO A 143 18.81 22.73 5.10
C PRO A 143 18.45 22.33 3.66
N GLU A 144 18.62 21.06 3.33
CA GLU A 144 18.34 20.52 2.02
C GLU A 144 16.84 20.61 1.72
N LEU A 145 16.01 20.28 2.72
CA LEU A 145 14.56 20.35 2.57
C LEU A 145 14.13 21.80 2.38
N ALA A 146 14.63 22.71 3.21
CA ALA A 146 14.28 24.12 3.12
C ALA A 146 14.66 24.68 1.75
N LEU A 147 15.81 24.28 1.22
CA LEU A 147 16.24 24.71 -0.11
C LEU A 147 15.31 24.18 -1.18
N ALA A 148 14.99 22.88 -1.14
CA ALA A 148 14.14 22.22 -2.13
C ALA A 148 12.77 22.92 -2.18
N LEU A 149 12.22 23.30 -1.01
CA LEU A 149 10.95 23.98 -0.93
C LEU A 149 11.04 25.45 -1.42
N SER A 150 12.15 26.14 -1.14
N SER A 150 12.16 26.14 -1.14
CA SER A 150 12.32 27.52 -1.55
CA SER A 150 12.37 27.53 -1.55
C SER A 150 12.54 27.68 -3.06
C SER A 150 12.62 27.70 -3.05
N LEU A 151 13.11 26.66 -3.72
CA LEU A 151 13.40 26.74 -5.16
C LEU A 151 12.15 26.92 -6.02
N VAL A 152 11.01 26.39 -5.55
CA VAL A 152 9.76 26.47 -6.30
C VAL A 152 8.84 27.63 -5.83
N ALA A 153 9.27 28.45 -4.85
CA ALA A 153 8.46 29.52 -4.24
C ALA A 153 7.94 30.60 -5.19
N THR A 154 8.79 31.11 -6.11
CA THR A 154 8.35 32.19 -7.01
C THR A 154 7.54 31.67 -8.19
N LYS B 2 -6.55 1.63 -28.31
CA LYS B 2 -7.58 0.89 -27.58
C LYS B 2 -7.13 0.60 -26.15
N GLU B 3 -8.04 0.75 -25.20
CA GLU B 3 -7.79 0.56 -23.78
C GLU B 3 -7.30 -0.83 -23.43
N LYS B 4 -6.27 -0.91 -22.59
CA LYS B 4 -5.80 -2.19 -22.06
C LYS B 4 -6.44 -2.43 -20.68
N ILE B 5 -6.40 -3.68 -20.20
CA ILE B 5 -6.89 -4.01 -18.86
C ILE B 5 -5.84 -4.87 -18.16
N ILE B 6 -5.84 -4.82 -16.83
CA ILE B 6 -5.05 -5.74 -16.03
C ILE B 6 -6.04 -6.88 -15.70
N VAL B 7 -5.58 -8.14 -15.75
N VAL B 7 -5.59 -8.13 -15.73
CA VAL B 7 -6.48 -9.30 -15.56
CA VAL B 7 -6.49 -9.25 -15.48
C VAL B 7 -5.91 -10.28 -14.57
C VAL B 7 -5.90 -10.26 -14.55
N SER B 8 -6.71 -10.81 -13.62
CA SER B 8 -6.22 -11.87 -12.71
C SER B 8 -5.66 -13.03 -13.51
N ALA B 9 -4.39 -13.40 -13.29
CA ALA B 9 -3.72 -14.42 -14.08
C ALA B 9 -4.46 -15.75 -14.10
N CYS B 10 -5.16 -16.12 -13.02
CA CYS B 10 -5.93 -17.36 -12.95
C CYS B 10 -7.10 -17.33 -13.96
N LEU B 11 -7.69 -16.14 -14.23
CA LEU B 11 -8.78 -16.04 -15.21
C LEU B 11 -8.31 -16.35 -16.62
N LEU B 12 -7.02 -16.16 -16.90
CA LEU B 12 -6.42 -16.47 -18.18
C LEU B 12 -5.93 -17.93 -18.27
N GLY B 13 -6.19 -18.76 -17.27
CA GLY B 13 -5.79 -20.16 -17.28
C GLY B 13 -4.44 -20.46 -16.67
N GLN B 14 -3.81 -19.46 -16.05
CA GLN B 14 -2.50 -19.67 -15.43
C GLN B 14 -2.67 -20.38 -14.10
N PRO B 15 -1.84 -21.41 -13.85
CA PRO B 15 -2.02 -22.22 -12.64
C PRO B 15 -1.42 -21.57 -11.40
N VAL B 16 -1.88 -20.36 -11.07
CA VAL B 16 -1.35 -19.60 -9.93
C VAL B 16 -2.27 -19.60 -8.71
N ARG B 17 -3.43 -20.26 -8.76
CA ARG B 17 -4.34 -20.34 -7.62
C ARG B 17 -3.65 -21.02 -6.43
N TYR B 18 -4.20 -20.84 -5.22
CA TYR B 18 -3.62 -21.43 -4.01
C TYR B 18 -3.44 -22.95 -4.13
N ASP B 19 -4.29 -23.63 -4.90
CA ASP B 19 -4.21 -25.09 -5.03
C ASP B 19 -3.49 -25.58 -6.28
N GLY B 20 -2.77 -24.69 -6.96
CA GLY B 20 -2.08 -25.06 -8.20
C GLY B 20 -3.01 -25.21 -9.39
N GLN B 21 -4.30 -24.85 -9.23
CA GLN B 21 -5.26 -24.89 -10.35
C GLN B 21 -5.36 -23.49 -11.02
N SER B 22 -6.18 -23.40 -12.04
CA SER B 22 -6.45 -22.16 -12.74
C SER B 22 -7.97 -21.95 -12.69
N LYS B 23 -8.43 -20.73 -12.99
CA LYS B 23 -9.85 -20.41 -13.04
C LYS B 23 -10.17 -19.92 -14.47
N GLY B 24 -9.60 -20.58 -15.48
CA GLY B 24 -9.71 -20.19 -16.87
C GLY B 24 -11.15 -20.06 -17.29
N ILE B 25 -11.52 -18.85 -17.69
CA ILE B 25 -12.88 -18.64 -18.14
C ILE B 25 -12.93 -18.84 -19.64
N VAL B 26 -14.10 -19.24 -20.11
CA VAL B 26 -14.31 -19.42 -21.53
C VAL B 26 -14.95 -18.17 -22.00
N SER B 27 -14.21 -17.36 -22.76
CA SER B 27 -14.72 -16.11 -23.25
C SER B 27 -14.04 -15.79 -24.54
N ASN B 28 -14.81 -15.80 -25.65
CA ASN B 28 -14.27 -15.43 -26.94
C ASN B 28 -13.79 -13.97 -26.92
N TRP B 29 -14.51 -13.10 -26.19
CA TRP B 29 -14.18 -11.69 -26.10
C TRP B 29 -12.84 -11.50 -25.37
N LEU B 30 -12.65 -12.15 -24.23
CA LEU B 30 -11.38 -12.04 -23.48
C LEU B 30 -10.23 -12.65 -24.30
N ASP B 31 -10.49 -13.74 -25.06
CA ASP B 31 -9.47 -14.35 -25.91
C ASP B 31 -9.05 -13.37 -27.01
N ALA B 32 -10.01 -12.65 -27.61
CA ALA B 32 -9.76 -11.64 -28.64
C ALA B 32 -8.98 -10.47 -28.05
N LEU B 33 -9.30 -10.06 -26.81
CA LEU B 33 -8.54 -9.00 -26.14
C LEU B 33 -7.06 -9.40 -25.98
N GLY B 34 -6.83 -10.62 -25.53
CA GLY B 34 -5.47 -11.17 -25.38
C GLY B 34 -4.75 -11.24 -26.71
N ALA B 35 -5.44 -11.67 -27.76
CA ALA B 35 -4.88 -11.72 -29.12
C ALA B 35 -4.49 -10.33 -29.63
N GLU B 36 -5.10 -9.27 -29.13
CA GLU B 36 -4.73 -7.90 -29.52
C GLU B 36 -3.65 -7.29 -28.58
N GLY B 37 -3.15 -8.06 -27.62
CA GLY B 37 -2.16 -7.56 -26.66
C GLY B 37 -2.71 -6.56 -25.66
N ARG B 38 -4.01 -6.68 -25.37
CA ARG B 38 -4.66 -5.72 -24.47
C ARG B 38 -4.91 -6.23 -23.05
N ALA B 39 -4.43 -7.42 -22.71
CA ALA B 39 -4.65 -7.94 -21.35
C ALA B 39 -3.30 -8.14 -20.67
N LEU B 40 -3.10 -7.49 -19.51
N LEU B 40 -3.14 -7.57 -19.48
CA LEU B 40 -1.85 -7.67 -18.77
CA LEU B 40 -1.90 -7.70 -18.73
C LEU B 40 -2.18 -8.70 -17.68
C LEU B 40 -2.16 -8.70 -17.62
N ALA B 41 -1.65 -9.93 -17.75
CA ALA B 41 -1.90 -10.96 -16.74
C ALA B 41 -1.15 -10.58 -15.46
N PHE B 42 -1.81 -10.70 -14.32
CA PHE B 42 -1.18 -10.33 -13.05
C PHE B 42 -1.78 -11.11 -11.95
N CYS B 43 -0.95 -11.65 -11.03
CA CYS B 43 -1.46 -12.33 -9.85
C CYS B 43 -0.89 -11.61 -8.64
N PRO B 44 -1.70 -10.86 -7.91
CA PRO B 44 -1.18 -10.14 -6.71
C PRO B 44 -0.52 -11.02 -5.67
N GLU B 45 -1.04 -12.25 -5.43
CA GLU B 45 -0.43 -13.09 -4.40
C GLU B 45 0.93 -13.58 -4.79
N VAL B 46 1.10 -14.03 -6.05
CA VAL B 46 2.43 -14.46 -6.48
C VAL B 46 3.36 -13.24 -6.58
N ALA B 47 2.85 -12.11 -7.09
CA ALA B 47 3.69 -10.89 -7.19
C ALA B 47 4.12 -10.41 -5.79
N GLY B 48 3.26 -10.62 -4.81
CA GLY B 48 3.53 -10.24 -3.42
C GLY B 48 4.54 -11.14 -2.71
N GLY B 49 4.91 -12.26 -3.32
CA GLY B 49 5.92 -13.16 -2.74
C GLY B 49 5.40 -14.49 -2.22
N LEU B 50 4.11 -14.78 -2.42
CA LEU B 50 3.52 -16.03 -1.94
C LEU B 50 3.80 -17.16 -2.92
N PRO B 51 3.98 -18.38 -2.41
CA PRO B 51 4.28 -19.52 -3.29
C PRO B 51 3.04 -20.13 -3.92
N THR B 52 3.21 -21.13 -4.83
CA THR B 52 2.10 -21.87 -5.42
C THR B 52 2.51 -23.34 -5.36
N PRO B 53 1.80 -24.19 -4.60
CA PRO B 53 0.60 -23.92 -3.82
C PRO B 53 0.86 -23.12 -2.53
N ARG B 54 -0.22 -22.68 -1.91
CA ARG B 54 -0.16 -21.92 -0.65
C ARG B 54 -1.47 -22.18 0.09
N PRO B 55 -1.48 -22.06 1.43
CA PRO B 55 -2.73 -22.31 2.16
C PRO B 55 -3.78 -21.25 1.83
N PRO B 56 -5.07 -21.60 1.97
CA PRO B 56 -6.12 -20.58 1.81
C PRO B 56 -5.97 -19.46 2.86
N ALA B 57 -6.39 -18.26 2.50
CA ALA B 57 -6.33 -17.12 3.40
C ALA B 57 -7.61 -16.31 3.29
N GLU B 58 -7.96 -15.62 4.37
CA GLU B 58 -9.16 -14.78 4.39
C GLU B 58 -8.83 -13.44 5.03
N ARG B 59 -9.53 -12.38 4.57
CA ARG B 59 -9.39 -11.08 5.21
C ARG B 59 -10.02 -11.11 6.62
N GLN B 60 -9.47 -10.34 7.53
CA GLN B 60 -10.01 -10.09 8.86
C GLN B 60 -9.77 -8.59 8.97
N GLY B 61 -10.67 -7.81 8.38
CA GLY B 61 -10.50 -6.36 8.33
C GLY B 61 -9.39 -6.01 7.37
N GLU B 62 -8.39 -5.22 7.82
CA GLU B 62 -7.23 -4.90 6.97
C GLU B 62 -6.20 -6.05 6.97
N HIS B 63 -6.28 -6.99 7.93
CA HIS B 63 -5.35 -8.11 7.98
C HIS B 63 -5.79 -9.21 7.02
N VAL B 64 -4.86 -10.07 6.59
CA VAL B 64 -5.17 -11.24 5.79
C VAL B 64 -4.42 -12.36 6.50
N VAL B 65 -5.11 -13.43 6.88
CA VAL B 65 -4.46 -14.53 7.62
C VAL B 65 -4.84 -15.89 7.07
N THR B 66 -4.02 -16.90 7.35
CA THR B 66 -4.36 -18.27 6.98
C THR B 66 -5.13 -18.87 8.18
N GLU B 67 -5.70 -20.07 8.03
CA GLU B 67 -6.45 -20.72 9.11
C GLU B 67 -5.56 -21.01 10.33
N SER B 68 -4.27 -21.24 10.13
CA SER B 68 -3.33 -21.44 11.24
C SER B 68 -2.92 -20.14 11.96
N GLY B 69 -3.43 -18.99 11.50
CA GLY B 69 -3.11 -17.71 12.12
C GLY B 69 -1.91 -16.99 11.55
N LEU B 70 -1.30 -17.52 10.47
CA LEU B 70 -0.14 -16.85 9.87
C LEU B 70 -0.63 -15.57 9.19
N ASP B 71 0.01 -14.44 9.49
CA ASP B 71 -0.39 -13.17 8.92
C ASP B 71 0.32 -12.94 7.60
N VAL B 72 -0.43 -12.92 6.50
CA VAL B 72 0.14 -12.68 5.18
C VAL B 72 -0.25 -11.33 4.61
N THR B 73 -0.66 -10.37 5.46
CA THR B 73 -1.05 -9.04 4.97
C THR B 73 0.08 -8.36 4.21
N ALA B 74 1.35 -8.53 4.65
CA ALA B 74 2.50 -7.88 3.98
C ALA B 74 2.53 -8.23 2.48
N GLU B 75 2.36 -9.51 2.15
CA GLU B 75 2.40 -9.99 0.79
C GLU B 75 1.16 -9.52 0.01
N PHE B 76 -0.01 -9.55 0.64
CA PHE B 76 -1.23 -9.08 -0.01
C PHE B 76 -1.14 -7.58 -0.35
N ASP B 77 -0.62 -6.77 0.58
CA ASP B 77 -0.49 -5.34 0.35
C ASP B 77 0.58 -5.02 -0.70
N ARG B 78 1.66 -5.81 -0.72
CA ARG B 78 2.72 -5.63 -1.72
C ARG B 78 2.17 -5.97 -3.09
N GLY B 79 1.42 -7.08 -3.22
CA GLY B 79 0.84 -7.45 -4.52
C GLY B 79 -0.13 -6.40 -5.03
N ALA B 80 -0.93 -5.84 -4.12
CA ALA B 80 -1.85 -4.75 -4.50
C ALA B 80 -1.06 -3.53 -5.01
N GLU B 81 0.00 -3.13 -4.30
CA GLU B 81 0.81 -1.97 -4.72
C GLU B 81 1.52 -2.23 -6.06
N LEU B 82 1.95 -3.48 -6.31
CA LEU B 82 2.57 -3.80 -7.61
C LEU B 82 1.52 -3.77 -8.73
N ALA B 83 0.27 -4.17 -8.44
CA ALA B 83 -0.81 -4.09 -9.44
C ALA B 83 -1.04 -2.63 -9.79
N LEU B 84 -1.07 -1.75 -8.78
CA LEU B 84 -1.26 -0.31 -9.03
C LEU B 84 -0.08 0.25 -9.84
N GLY B 85 1.14 -0.16 -9.50
CA GLY B 85 2.34 0.31 -10.20
C GLY B 85 2.31 -0.07 -11.68
N LEU B 86 1.83 -1.29 -11.98
CA LEU B 86 1.73 -1.74 -13.38
C LEU B 86 0.65 -0.93 -14.12
N CYS B 87 -0.48 -0.63 -13.45
CA CYS B 87 -1.56 0.19 -14.03
C CYS B 87 -1.08 1.61 -14.33
N LEU B 88 -0.37 2.24 -13.39
CA LEU B 88 0.12 3.60 -13.61
C LEU B 88 1.14 3.64 -14.75
N ALA B 89 2.06 2.67 -14.79
CA ALA B 89 3.08 2.63 -15.84
C ALA B 89 2.45 2.43 -17.24
N GLN B 90 1.46 1.54 -17.34
CA GLN B 90 0.83 1.24 -18.63
C GLN B 90 -0.39 2.13 -18.98
N GLY B 91 -0.79 3.02 -18.08
CA GLY B 91 -1.96 3.85 -18.32
C GLY B 91 -3.26 3.04 -18.29
N ILE B 92 -3.29 1.97 -17.48
CA ILE B 92 -4.46 1.11 -17.34
C ILE B 92 -5.46 1.70 -16.32
N ARG B 93 -6.73 1.77 -16.73
CA ARG B 93 -7.80 2.32 -15.90
C ARG B 93 -8.92 1.31 -15.61
N PHE B 94 -8.79 0.06 -16.09
CA PHE B 94 -9.81 -0.98 -15.88
C PHE B 94 -9.12 -2.28 -15.48
N ALA B 95 -9.75 -3.04 -14.61
CA ALA B 95 -9.23 -4.32 -14.17
C ALA B 95 -10.34 -5.39 -14.24
N LEU B 96 -9.96 -6.60 -14.59
CA LEU B 96 -10.88 -7.73 -14.62
C LEU B 96 -10.29 -8.71 -13.62
N LEU B 97 -10.86 -8.74 -12.41
CA LEU B 97 -10.31 -9.56 -11.34
C LEU B 97 -11.23 -10.67 -10.87
N LYS B 98 -10.66 -11.75 -10.34
CA LYS B 98 -11.37 -12.94 -9.90
C LYS B 98 -12.27 -12.70 -8.68
N GLU B 99 -13.55 -13.02 -8.79
CA GLU B 99 -14.50 -12.84 -7.69
C GLU B 99 -14.22 -13.76 -6.50
N GLY B 100 -14.50 -13.26 -5.29
CA GLY B 100 -14.39 -14.03 -4.07
C GLY B 100 -13.04 -14.06 -3.37
N SER B 101 -12.00 -13.62 -4.07
CA SER B 101 -10.64 -13.71 -3.57
C SER B 101 -10.31 -12.67 -2.52
N PRO B 102 -9.47 -13.03 -1.51
CA PRO B 102 -9.02 -12.01 -0.54
C PRO B 102 -8.13 -10.91 -1.17
N SER B 103 -7.69 -11.11 -2.41
N SER B 103 -7.64 -11.15 -2.41
CA SER B 103 -6.93 -10.13 -3.16
CA SER B 103 -6.87 -10.20 -3.23
C SER B 103 -7.80 -9.52 -4.29
C SER B 103 -7.76 -9.54 -4.28
N CYS B 104 -8.39 -10.37 -5.13
CA CYS B 104 -9.10 -9.96 -6.34
C CYS B 104 -10.61 -9.80 -6.27
N GLY B 105 -11.24 -10.23 -5.17
CA GLY B 105 -12.70 -10.12 -5.02
C GLY B 105 -13.19 -8.70 -5.20
N SER B 106 -14.38 -8.51 -5.78
CA SER B 106 -14.87 -7.14 -5.98
C SER B 106 -16.28 -6.91 -5.48
N GLY B 107 -17.07 -7.97 -5.41
CA GLY B 107 -18.43 -7.96 -4.87
C GLY B 107 -18.55 -8.84 -3.65
N ARG B 108 -17.73 -9.91 -3.57
CA ARG B 108 -17.78 -10.80 -2.42
C ARG B 108 -16.41 -11.35 -2.02
N ILE B 109 -16.27 -11.69 -0.73
CA ILE B 109 -15.07 -12.32 -0.14
C ILE B 109 -15.50 -13.29 0.97
N TYR B 110 -14.63 -14.24 1.38
CA TYR B 110 -14.93 -15.08 2.53
C TYR B 110 -14.88 -14.21 3.80
N ASN B 111 -15.72 -14.55 4.81
CA ASN B 111 -15.92 -13.70 5.97
C ASN B 111 -14.85 -13.69 7.06
N GLY B 112 -13.73 -14.38 6.86
CA GLY B 112 -12.66 -14.38 7.85
C GLY B 112 -12.79 -15.40 8.96
N ARG B 113 -13.86 -16.20 8.95
CA ARG B 113 -14.08 -17.22 9.97
C ARG B 113 -13.73 -18.64 9.54
N PHE B 114 -13.23 -18.83 8.31
CA PHE B 114 -12.83 -20.14 7.81
C PHE B 114 -13.95 -21.19 7.95
N GLU B 115 -15.16 -20.82 7.51
CA GLU B 115 -16.32 -21.68 7.61
C GLU B 115 -17.09 -21.79 6.27
N GLY B 116 -16.44 -21.46 5.15
CA GLY B 116 -17.03 -21.49 3.81
C GLY B 116 -18.13 -20.48 3.58
N VAL B 117 -18.16 -19.40 4.37
CA VAL B 117 -19.20 -18.38 4.26
C VAL B 117 -18.72 -17.09 3.60
N SER B 118 -19.38 -16.69 2.49
CA SER B 118 -19.08 -15.45 1.78
C SER B 118 -19.89 -14.29 2.31
N MET B 119 -19.39 -13.08 2.09
CA MET B 119 -20.07 -11.85 2.48
C MET B 119 -19.76 -10.77 1.45
N ALA B 120 -20.51 -9.67 1.46
CA ALA B 120 -20.27 -8.57 0.54
C ALA B 120 -18.94 -7.92 0.94
N GLY B 121 -18.07 -7.69 -0.03
CA GLY B 121 -16.78 -7.06 0.23
C GLY B 121 -15.84 -7.11 -0.94
N GLU B 122 -14.61 -6.69 -0.71
CA GLU B 122 -13.63 -6.68 -1.79
C GLU B 122 -12.26 -7.11 -1.30
N GLY B 123 -11.46 -7.62 -2.21
CA GLY B 123 -10.10 -8.02 -1.90
C GLY B 123 -9.20 -6.80 -1.76
N LYS B 124 -7.97 -7.02 -1.27
CA LYS B 124 -7.05 -5.93 -1.03
C LYS B 124 -6.61 -5.24 -2.30
N THR B 125 -6.41 -6.02 -3.40
CA THR B 125 -5.98 -5.41 -4.65
C THR B 125 -7.11 -4.57 -5.22
N THR B 126 -8.34 -5.13 -5.25
CA THR B 126 -9.52 -4.39 -5.74
C THR B 126 -9.70 -3.08 -4.96
N ALA B 127 -9.62 -3.14 -3.63
CA ALA B 127 -9.80 -1.94 -2.82
C ALA B 127 -8.77 -0.86 -3.17
N LEU B 128 -7.49 -1.23 -3.35
CA LEU B 128 -6.45 -0.23 -3.66
C LEU B 128 -6.66 0.36 -5.05
N LEU B 129 -6.94 -0.50 -6.03
CA LEU B 129 -7.17 0.00 -7.39
C LEU B 129 -8.38 0.94 -7.44
N ARG B 130 -9.50 0.58 -6.78
CA ARG B 130 -10.68 1.45 -6.75
C ARG B 130 -10.38 2.79 -6.07
N ARG B 131 -9.56 2.77 -4.99
N ARG B 131 -9.56 2.78 -4.99
CA ARG B 131 -9.20 4.04 -4.33
CA ARG B 131 -9.20 4.04 -4.33
C ARG B 131 -8.40 4.95 -5.24
C ARG B 131 -8.30 4.95 -5.16
N HIS B 132 -7.66 4.39 -6.21
CA HIS B 132 -6.86 5.18 -7.15
C HIS B 132 -7.59 5.43 -8.48
N GLY B 133 -8.91 5.26 -8.52
CA GLY B 133 -9.71 5.56 -9.70
C GLY B 133 -9.74 4.52 -10.79
N ILE B 134 -9.27 3.29 -10.49
CA ILE B 134 -9.29 2.22 -11.47
C ILE B 134 -10.58 1.42 -11.30
N GLN B 135 -11.35 1.24 -12.36
CA GLN B 135 -12.60 0.49 -12.26
C GLN B 135 -12.32 -1.00 -12.30
N VAL B 136 -12.88 -1.72 -11.36
CA VAL B 136 -12.68 -3.15 -11.25
C VAL B 136 -13.98 -3.90 -11.50
N PHE B 137 -13.92 -4.87 -12.41
CA PHE B 137 -15.03 -5.74 -12.78
C PHE B 137 -14.66 -7.18 -12.49
N SER B 138 -15.64 -8.03 -12.19
CA SER B 138 -15.36 -9.46 -12.00
C SER B 138 -15.64 -10.23 -13.31
N GLU B 139 -15.35 -11.54 -13.33
CA GLU B 139 -15.64 -12.38 -14.48
C GLU B 139 -17.18 -12.53 -14.73
N ASP B 140 -18.02 -12.13 -13.74
CA ASP B 140 -19.49 -12.14 -13.89
C ASP B 140 -20.00 -10.84 -14.55
N GLN B 141 -19.09 -9.89 -14.90
CA GLN B 141 -19.41 -8.59 -15.45
C GLN B 141 -18.69 -8.30 -16.76
N LEU B 142 -18.43 -9.33 -17.58
CA LEU B 142 -17.73 -9.13 -18.86
C LEU B 142 -18.45 -8.14 -19.82
N PRO B 143 -19.78 -8.22 -20.05
CA PRO B 143 -20.41 -7.22 -20.94
C PRO B 143 -20.31 -5.79 -20.42
N GLU B 144 -20.44 -5.60 -19.09
CA GLU B 144 -20.31 -4.28 -18.46
C GLU B 144 -18.89 -3.73 -18.65
N LEU B 145 -17.88 -4.60 -18.50
CA LEU B 145 -16.48 -4.22 -18.71
C LEU B 145 -16.27 -3.85 -20.17
N ALA B 146 -16.74 -4.68 -21.10
CA ALA B 146 -16.61 -4.37 -22.53
C ALA B 146 -17.25 -2.98 -22.86
N LEU B 147 -18.42 -2.68 -22.28
CA LEU B 147 -19.10 -1.40 -22.50
C LEU B 147 -18.30 -0.23 -21.91
N ALA B 148 -17.79 -0.39 -20.68
CA ALA B 148 -17.02 0.67 -20.04
C ALA B 148 -15.77 1.01 -20.83
N LEU B 149 -15.09 0.01 -21.40
CA LEU B 149 -13.89 0.24 -22.21
C LEU B 149 -14.21 1.03 -23.48
N SER B 150 -15.35 0.74 -24.13
CA SER B 150 -15.68 1.43 -25.38
C SER B 150 -16.20 2.84 -25.16
N LEU B 151 -16.83 3.10 -24.01
CA LEU B 151 -17.39 4.41 -23.72
C LEU B 151 -16.29 5.43 -23.49
N VAL B 152 -15.23 5.04 -22.78
CA VAL B 152 -14.13 5.93 -22.44
C VAL B 152 -13.24 6.27 -23.65
FE1 SF4 C . 6.53 7.18 14.90
FE2 SF4 C . 6.80 9.94 14.67
FE3 SF4 C . 4.35 8.68 14.18
FE4 SF4 C . 6.49 8.41 12.42
S1 SF4 C . 5.31 10.36 12.94
S2 SF4 C . 5.09 6.72 13.13
S3 SF4 C . 8.26 8.33 13.90
S4 SF4 C . 5.47 8.81 16.20
C1 EDO D . 8.34 4.71 15.63
O1 EDO D . 7.62 5.00 14.43
C2 EDO D . 7.57 4.91 16.90
O2 EDO D . 6.81 6.09 16.88
C1 EDO E . 11.24 -11.20 16.39
O1 EDO E . 11.65 -11.80 15.18
C2 EDO E . 9.77 -11.10 16.46
O2 EDO E . 9.14 -12.34 16.27
C1 EDO F . 5.60 0.93 17.10
O1 EDO F . 6.54 1.41 16.16
C2 EDO F . 4.53 0.08 16.51
O2 EDO F . 3.78 -0.68 17.47
C1 EDO G . 3.93 -13.23 9.81
O1 EDO G . 4.40 -12.35 10.83
C2 EDO G . 3.41 -14.52 10.35
O2 EDO G . 2.35 -14.34 11.29
CL CL H . 13.33 6.65 21.37
CL CL I . 15.81 7.29 16.70
FE1 SF4 J . -5.74 -15.63 -6.48
FE2 SF4 J . -6.25 -15.47 -9.18
FE3 SF4 J . -3.77 -14.69 -8.14
FE4 SF4 J . -6.07 -13.14 -7.76
S1 SF4 J . -5.00 -13.61 -9.77
S2 SF4 J . -4.44 -13.71 -6.16
S3 SF4 J . -7.66 -14.80 -7.49
S4 SF4 J . -4.69 -16.82 -8.18
C1 EDO K . -6.64 -17.79 -4.31
O1 EDO K . -5.63 -17.76 -5.28
C2 EDO K . -6.80 -16.52 -3.53
O2 EDO K . -6.71 -15.33 -4.27
C1 EDO L . -13.46 -2.60 -25.69
O1 EDO L . -12.81 -2.13 -26.86
C2 EDO L . -14.32 -3.79 -25.87
O2 EDO L . -13.73 -4.83 -26.62
C1 EDO M . -2.08 -12.64 -31.68
O1 EDO M . -1.01 -12.25 -32.54
C2 EDO M . -2.25 -14.12 -31.64
O2 EDO M . -1.08 -14.83 -31.25
C1 EDO N . -15.41 -18.90 -7.17
C1 EDO N . -15.48 -18.81 -7.52
O1 EDO N . -16.04 -17.68 -7.52
O1 EDO N . -16.58 -17.95 -7.79
C2 EDO N . -14.43 -18.78 -6.06
C2 EDO N . -14.74 -18.44 -6.30
O2 EDO N . -14.98 -18.33 -4.85
O2 EDO N . -13.56 -19.21 -6.11
C1 EDO O . -2.71 -16.97 0.44
O1 EDO O . -1.87 -17.83 1.21
C2 EDO O . -3.81 -17.67 -0.28
O2 EDO O . -4.88 -16.84 -0.71
#